data_6OJB
#
_entry.id   6OJB
#
_cell.length_a   44.891
_cell.length_b   48.174
_cell.length_c   163.441
_cell.angle_alpha   90.000
_cell.angle_beta   90.000
_cell.angle_gamma   90.000
#
_symmetry.space_group_name_H-M   'P 21 21 21'
#
loop_
_entity.id
_entity.type
_entity.pdbx_description
1 polymer 'Endo alpha-1,4 polygalactosaminidase'
2 branched alpha-D-mannopyranose-(1-2)-[alpha-D-mannopyranose-(1-6)]alpha-D-mannopyranose-(1-3)-[alpha-D-mannopyranose-(1-3)-alpha-D-mannopyranose-(1-6)]beta-D-mannopyranose-(1-4)-2-acetamido-2-deoxy-beta-D-glucopyranose-(1-4)-2-acetamido-2-deoxy-beta-D-glucopyranose
3 branched alpha-D-mannopyranose-(1-2)-alpha-D-mannopyranose-(1-6)-[alpha-D-mannopyranose-(1-3)]alpha-D-mannopyranose-(1-3)-beta-D-mannopyranose-(1-4)-2-acetamido-2-deoxy-beta-D-glucopyranose-(1-4)-2-acetamido-2-deoxy-beta-D-glucopyranose
4 branched 2-acetamido-2-deoxy-beta-D-glucopyranose-(1-4)-2-acetamido-2-deoxy-beta-D-glucopyranose
5 non-polymer 2-acetamido-2-deoxy-beta-D-glucopyranose
6 non-polymer 2-amino-2-deoxy-alpha-D-galactopyranose
7 water water
#
_entity_poly.entity_id   1
_entity_poly.type   'polypeptide(L)'
_entity_poly.pdbx_seq_one_letter_code
;MGSSHHHHHHSSGLVPRGSLMGLGGGGGGEGEEGSGGETTPPEGNYTTAKWQPAVGTKWQIELLYALNDTSVDAEIYDID
LFINDKSTIAGLQRAGRKVICYFSAGSYENWRPDKDKFKDSDLGHDLDDWPGEKWLNISSANVRQIMLDRLDMARDKGCD
GVDPDNVDGYDNDNGLDLTQADSISFVNFLANAAHARNMSIGLKNAGDIIPSVIKNMQWSVNEQCAQYNECDTYAVFPQN
GKPVFHIEYPKGDKTNNDLSVTASQKNAACDFAGSANFSTVIKNMNLNNWVEYC
;
_entity_poly.pdbx_strand_id   A
#
loop_
_chem_comp.id
_chem_comp.type
_chem_comp.name
_chem_comp.formula
BMA D-saccharide, beta linking beta-D-mannopyranose 'C6 H12 O6'
MAN D-saccharide, alpha linking alpha-D-mannopyranose 'C6 H12 O6'
NAG D-saccharide, beta linking 2-acetamido-2-deoxy-beta-D-glucopyranose 'C8 H15 N O6'
X6X D-saccharide, alpha linking 2-amino-2-deoxy-alpha-D-galactopyranose 'C6 H13 N O5'
#
# COMPACT_ATOMS: atom_id res chain seq x y z
N GLY A 44 25.71 -5.18 1.93
CA GLY A 44 24.59 -4.25 1.86
C GLY A 44 23.58 -4.48 2.95
N ASN A 45 23.09 -3.40 3.56
CA ASN A 45 22.16 -3.49 4.69
C ASN A 45 20.71 -3.50 4.23
N TYR A 46 20.43 -4.33 3.23
CA TYR A 46 19.09 -4.60 2.79
C TYR A 46 19.03 -6.10 2.48
N THR A 47 17.83 -6.62 2.30
CA THR A 47 17.62 -7.99 1.89
C THR A 47 16.95 -8.03 0.52
N THR A 48 17.05 -9.16 -0.15
CA THR A 48 16.57 -9.25 -1.53
C THR A 48 15.21 -9.92 -1.59
N ALA A 49 14.48 -9.62 -2.68
CA ALA A 49 13.21 -10.24 -3.00
C ALA A 49 13.32 -10.95 -4.33
N LYS A 50 12.64 -12.09 -4.46
CA LYS A 50 12.67 -12.82 -5.71
C LYS A 50 11.71 -12.24 -6.75
N TRP A 51 10.54 -11.73 -6.33
CA TRP A 51 9.58 -11.18 -7.28
C TRP A 51 9.78 -9.67 -7.39
N GLN A 52 10.37 -9.23 -8.49
CA GLN A 52 10.48 -7.80 -8.78
C GLN A 52 9.57 -7.43 -9.94
N PRO A 53 8.36 -6.94 -9.69
CA PRO A 53 7.46 -6.61 -10.80
C PRO A 53 8.06 -5.55 -11.71
N ALA A 54 7.68 -5.58 -12.99
CA ALA A 54 8.27 -4.70 -13.97
C ALA A 54 7.67 -3.30 -13.89
N VAL A 55 8.46 -2.30 -14.30
CA VAL A 55 7.94 -0.95 -14.43
C VAL A 55 6.79 -0.95 -15.44
N GLY A 56 5.68 -0.31 -15.06
CA GLY A 56 4.55 -0.18 -15.95
C GLY A 56 3.52 -1.30 -15.87
N THR A 57 3.71 -2.28 -14.97
CA THR A 57 2.77 -3.38 -14.85
C THR A 57 1.40 -2.89 -14.41
N LYS A 58 0.38 -3.26 -15.18
CA LYS A 58 -1.00 -2.86 -14.88
C LYS A 58 -1.51 -3.56 -13.63
N TRP A 59 -2.22 -2.82 -12.78
CA TRP A 59 -2.69 -3.37 -11.52
C TRP A 59 -4.10 -2.89 -11.24
N GLN A 60 -4.67 -3.50 -10.20
CA GLN A 60 -5.98 -3.18 -9.66
C GLN A 60 -5.86 -3.30 -8.15
N ILE A 61 -6.61 -2.47 -7.44
CA ILE A 61 -6.62 -2.49 -5.98
C ILE A 61 -8.08 -2.42 -5.53
N GLU A 62 -8.42 -3.24 -4.54
CA GLU A 62 -9.78 -3.25 -4.02
C GLU A 62 -9.68 -3.67 -2.56
N LEU A 63 -9.99 -2.74 -1.66
CA LEU A 63 -9.77 -2.92 -0.24
C LEU A 63 -11.05 -2.83 0.57
N LEU A 64 -12.15 -2.37 -0.02
CA LEU A 64 -13.34 -2.14 0.76
C LEU A 64 -13.97 -3.45 1.24
N TYR A 65 -14.08 -4.45 0.36
CA TYR A 65 -14.76 -5.69 0.71
C TYR A 65 -13.97 -6.86 0.14
N ALA A 66 -14.38 -8.10 0.49
CA ALA A 66 -13.74 -9.26 -0.12
C ALA A 66 -13.85 -9.15 -1.63
N LEU A 67 -12.75 -9.45 -2.32
CA LEU A 67 -12.72 -9.34 -3.77
C LEU A 67 -13.74 -10.28 -4.38
N ASN A 68 -14.65 -9.72 -5.20
CA ASN A 68 -15.68 -10.51 -5.86
C ASN A 68 -15.78 -10.15 -7.33
N ASP A 69 -14.69 -9.66 -7.90
CA ASP A 69 -14.66 -9.30 -9.32
C ASP A 69 -13.22 -9.36 -9.77
N THR A 70 -12.90 -10.33 -10.63
CA THR A 70 -11.58 -10.40 -11.25
C THR A 70 -11.67 -10.17 -12.76
N SER A 71 -12.69 -9.45 -13.22
CA SER A 71 -12.88 -9.20 -14.64
C SER A 71 -11.90 -8.18 -15.16
N VAL A 72 -11.29 -7.39 -14.29
CA VAL A 72 -10.34 -6.38 -14.73
C VAL A 72 -9.06 -7.09 -15.11
N ASP A 73 -8.61 -6.86 -16.33
CA ASP A 73 -7.45 -7.56 -16.88
C ASP A 73 -6.17 -6.84 -16.44
N ALA A 74 -5.82 -7.05 -15.18
CA ALA A 74 -4.61 -6.50 -14.60
C ALA A 74 -3.73 -7.65 -14.11
N GLU A 75 -2.42 -7.43 -14.20
CA GLU A 75 -1.46 -8.45 -13.86
C GLU A 75 -1.28 -8.59 -12.35
N ILE A 76 -1.50 -7.50 -11.61
CA ILE A 76 -1.30 -7.46 -10.16
C ILE A 76 -2.61 -6.98 -9.52
N TYR A 77 -3.06 -7.69 -8.49
CA TYR A 77 -4.20 -7.29 -7.67
C TYR A 77 -3.73 -7.03 -6.25
N ASP A 78 -4.12 -5.87 -5.71
CA ASP A 78 -3.81 -5.48 -4.35
C ASP A 78 -5.12 -5.54 -3.56
N ILE A 79 -5.19 -6.47 -2.60
CA ILE A 79 -6.44 -6.75 -1.90
C ILE A 79 -6.16 -6.88 -0.41
N ASP A 80 -7.23 -6.80 0.37
CA ASP A 80 -7.07 -6.80 1.82
C ASP A 80 -6.57 -8.16 2.32
N LEU A 81 -5.60 -8.11 3.25
CA LEU A 81 -4.99 -9.33 3.79
C LEU A 81 -6.00 -10.15 4.61
N PHE A 82 -6.81 -9.50 5.43
CA PHE A 82 -7.65 -10.21 6.38
C PHE A 82 -8.90 -10.83 5.73
N ILE A 83 -9.60 -10.09 4.87
CA ILE A 83 -10.95 -10.48 4.47
C ILE A 83 -10.99 -11.34 3.23
N ASN A 84 -9.85 -11.63 2.62
CA ASN A 84 -9.77 -12.53 1.48
C ASN A 84 -9.13 -13.84 1.90
N ASP A 85 -9.70 -14.96 1.46
CA ASP A 85 -9.15 -16.22 1.89
C ASP A 85 -8.11 -16.74 0.88
N LYS A 86 -7.44 -17.81 1.29
CA LYS A 86 -6.44 -18.47 0.44
C LYS A 86 -7.00 -18.81 -0.93
N SER A 87 -8.27 -19.24 -1.00
CA SER A 87 -8.86 -19.62 -2.28
C SER A 87 -8.88 -18.44 -3.25
N THR A 88 -9.31 -17.27 -2.77
CA THR A 88 -9.32 -16.09 -3.64
C THR A 88 -7.93 -15.81 -4.18
N ILE A 89 -6.93 -15.87 -3.30
CA ILE A 89 -5.55 -15.56 -3.69
C ILE A 89 -5.03 -16.60 -4.67
N ALA A 90 -5.23 -17.89 -4.38
CA ALA A 90 -4.76 -18.92 -5.31
C ALA A 90 -5.46 -18.82 -6.66
N GLY A 91 -6.74 -18.42 -6.68
CA GLY A 91 -7.45 -18.30 -7.95
C GLY A 91 -6.86 -17.24 -8.84
N LEU A 92 -6.50 -16.10 -8.25
CA LEU A 92 -5.80 -15.06 -8.98
C LEU A 92 -4.49 -15.58 -9.58
N GLN A 93 -3.70 -16.29 -8.77
CA GLN A 93 -2.42 -16.77 -9.24
C GLN A 93 -2.57 -17.86 -10.31
N ARG A 94 -3.61 -18.69 -10.18
CA ARG A 94 -3.86 -19.71 -11.19
C ARG A 94 -4.26 -19.08 -12.53
N ALA A 95 -4.82 -17.86 -12.50
CA ALA A 95 -5.09 -17.10 -13.71
C ALA A 95 -3.88 -16.27 -14.17
N GLY A 96 -2.71 -16.48 -13.58
CA GLY A 96 -1.48 -15.84 -14.03
C GLY A 96 -1.16 -14.53 -13.36
N ARG A 97 -1.87 -14.17 -12.31
CA ARG A 97 -1.75 -12.87 -11.68
C ARG A 97 -0.96 -12.97 -10.39
N LYS A 98 -0.38 -11.85 -9.99
CA LYS A 98 0.33 -11.72 -8.74
C LYS A 98 -0.56 -10.97 -7.75
N VAL A 99 -0.46 -11.34 -6.48
CA VAL A 99 -1.34 -10.84 -5.44
C VAL A 99 -0.51 -10.14 -4.37
N ILE A 100 -0.78 -8.85 -4.20
CA ILE A 100 -0.24 -8.05 -3.09
C ILE A 100 -1.30 -7.96 -2.01
N CYS A 101 -0.91 -8.19 -0.76
CA CYS A 101 -1.85 -8.18 0.36
C CYS A 101 -1.67 -6.90 1.17
N TYR A 102 -2.69 -6.04 1.13
CA TYR A 102 -2.73 -4.81 1.90
C TYR A 102 -2.93 -5.10 3.38
N PHE A 103 -2.22 -4.37 4.22
CA PHE A 103 -2.58 -4.29 5.63
C PHE A 103 -2.07 -2.97 6.18
N SER A 104 -2.61 -2.55 7.32
CA SER A 104 -2.20 -1.29 7.91
C SER A 104 -1.10 -1.57 8.92
N ALA A 105 0.12 -1.11 8.62
CA ALA A 105 1.24 -1.30 9.53
C ALA A 105 1.31 -0.21 10.59
N GLY A 106 0.83 1.00 10.28
CA GLY A 106 0.97 2.13 11.17
C GLY A 106 -0.28 2.68 11.82
N SER A 107 -1.44 2.05 11.61
CA SER A 107 -2.65 2.47 12.30
C SER A 107 -3.37 1.28 12.88
N TYR A 108 -4.09 1.53 13.98
CA TYR A 108 -4.97 0.56 14.61
C TYR A 108 -6.35 0.62 13.95
N GLU A 109 -6.83 -0.52 13.46
CA GLU A 109 -8.16 -0.63 12.86
C GLU A 109 -9.02 -1.42 13.81
N ASN A 110 -10.09 -0.80 14.32
CA ASN A 110 -10.83 -1.39 15.41
C ASN A 110 -11.74 -2.55 14.99
N TRP A 111 -11.68 -3.01 13.74
CA TRP A 111 -12.50 -4.14 13.32
C TRP A 111 -11.66 -5.38 13.00
N ARG A 112 -10.35 -5.36 13.28
CA ARG A 112 -9.55 -6.52 12.91
C ARG A 112 -9.64 -7.62 13.98
N PRO A 113 -9.48 -8.88 13.59
CA PRO A 113 -9.55 -9.96 14.59
C PRO A 113 -8.39 -9.96 15.58
N ASP A 114 -7.29 -9.28 15.28
CA ASP A 114 -6.16 -9.23 16.21
C ASP A 114 -6.10 -7.92 16.98
N LYS A 115 -7.21 -7.17 17.01
CA LYS A 115 -7.17 -5.81 17.56
C LYS A 115 -6.92 -5.81 19.07
N ASP A 116 -7.36 -6.85 19.79
CA ASP A 116 -7.15 -6.89 21.22
C ASP A 116 -5.73 -7.22 21.61
N LYS A 117 -4.86 -7.51 20.64
CA LYS A 117 -3.44 -7.64 20.94
C LYS A 117 -2.77 -6.31 21.21
N PHE A 118 -3.33 -5.19 20.75
CA PHE A 118 -2.70 -3.89 20.94
C PHE A 118 -2.89 -3.40 22.38
N LYS A 119 -1.83 -2.83 22.96
CA LYS A 119 -1.96 -2.27 24.29
C LYS A 119 -2.39 -0.81 24.20
N ASP A 120 -2.95 -0.31 25.31
CA ASP A 120 -3.36 1.08 25.37
C ASP A 120 -2.23 2.03 24.98
N SER A 121 -1.00 1.73 25.43
CA SER A 121 0.17 2.55 25.14
C SER A 121 0.66 2.42 23.70
N ASP A 122 0.17 1.45 22.94
CA ASP A 122 0.51 1.39 21.54
C ASP A 122 -0.22 2.43 20.71
N LEU A 123 -1.28 3.05 21.24
CA LEU A 123 -2.20 3.85 20.43
C LEU A 123 -2.00 5.34 20.69
N GLY A 124 -1.92 6.12 19.61
CA GLY A 124 -1.91 7.56 19.70
C GLY A 124 -3.20 8.19 19.18
N HIS A 125 -3.09 9.29 18.44
CA HIS A 125 -4.23 10.10 18.06
C HIS A 125 -5.01 9.44 16.91
N ASP A 126 -6.25 9.90 16.73
CA ASP A 126 -7.08 9.43 15.62
C ASP A 126 -6.54 9.89 14.27
N LEU A 127 -6.64 9.02 13.27
CA LEU A 127 -6.38 9.45 11.90
C LEU A 127 -7.51 10.38 11.44
N ASP A 128 -7.12 11.55 10.92
CA ASP A 128 -8.12 12.57 10.61
C ASP A 128 -9.22 12.06 9.68
N ASP A 129 -8.84 11.31 8.64
CA ASP A 129 -9.80 10.99 7.59
C ASP A 129 -10.20 9.51 7.53
N TRP A 130 -9.89 8.71 8.55
CA TRP A 130 -10.33 7.32 8.58
C TRP A 130 -11.02 7.02 9.89
N PRO A 131 -12.27 6.58 9.88
CA PRO A 131 -13.03 6.41 11.13
C PRO A 131 -12.61 5.16 11.89
N GLY A 132 -12.43 5.33 13.21
CA GLY A 132 -12.03 4.21 14.03
C GLY A 132 -10.62 3.72 13.78
N GLU A 133 -9.75 4.57 13.25
CA GLU A 133 -8.33 4.26 13.12
C GLU A 133 -7.52 5.21 13.99
N LYS A 134 -6.47 4.67 14.61
CA LYS A 134 -5.56 5.46 15.44
C LYS A 134 -4.12 5.17 15.04
N TRP A 135 -3.27 6.19 15.14
CA TRP A 135 -1.86 6.01 14.85
C TRP A 135 -1.24 5.07 15.87
N LEU A 136 -0.29 4.25 15.42
CA LEU A 136 0.42 3.29 16.25
C LEU A 136 1.82 3.79 16.59
N ASN A 137 2.28 3.42 17.78
CA ASN A 137 3.71 3.53 18.09
C ASN A 137 4.43 2.40 17.38
N ILE A 138 4.89 2.67 16.15
CA ILE A 138 5.62 1.67 15.36
C ILE A 138 6.99 1.32 15.92
N SER A 139 7.47 2.00 16.95
CA SER A 139 8.68 1.54 17.63
C SER A 139 8.38 0.52 18.72
N SER A 140 7.12 0.32 19.08
CA SER A 140 6.78 -0.60 20.16
C SER A 140 7.06 -2.04 19.75
N ALA A 141 7.75 -2.78 20.62
CA ALA A 141 7.98 -4.19 20.34
C ALA A 141 6.67 -4.94 20.20
N ASN A 142 5.64 -4.54 20.94
CA ASN A 142 4.35 -5.21 20.83
C ASN A 142 3.74 -4.95 19.46
N VAL A 143 3.81 -3.71 18.98
CA VAL A 143 3.31 -3.39 17.64
C VAL A 143 4.06 -4.19 16.61
N ARG A 144 5.40 -4.23 16.72
CA ARG A 144 6.22 -4.94 15.74
C ARG A 144 5.91 -6.43 15.73
N GLN A 145 5.68 -7.04 16.89
CA GLN A 145 5.33 -8.46 16.91
C GLN A 145 3.97 -8.72 16.28
N ILE A 146 2.99 -7.87 16.54
CA ILE A 146 1.70 -8.00 15.87
C ILE A 146 1.88 -7.95 14.36
N MET A 147 2.77 -7.07 13.87
CA MET A 147 2.99 -6.99 12.42
C MET A 147 3.71 -8.22 11.90
N LEU A 148 4.65 -8.78 12.67
CA LEU A 148 5.22 -10.07 12.31
C LEU A 148 4.14 -11.15 12.19
N ASP A 149 3.17 -11.13 13.11
CA ASP A 149 2.08 -12.08 13.01
C ASP A 149 1.25 -11.86 11.76
N ARG A 150 1.10 -10.60 11.32
CA ARG A 150 0.36 -10.36 10.09
C ARG A 150 1.15 -10.78 8.87
N LEU A 151 2.47 -10.65 8.90
CA LEU A 151 3.27 -11.15 7.77
C LEU A 151 3.24 -12.67 7.72
N ASP A 152 3.20 -13.35 8.87
CA ASP A 152 3.05 -14.80 8.85
C ASP A 152 1.77 -15.17 8.12
N MET A 153 0.67 -14.47 8.43
CA MET A 153 -0.61 -14.75 7.80
C MET A 153 -0.57 -14.48 6.30
N ALA A 154 0.06 -13.37 5.88
CA ALA A 154 0.19 -13.09 4.45
C ALA A 154 0.99 -14.19 3.76
N ARG A 155 2.06 -14.65 4.41
CA ARG A 155 2.83 -15.76 3.87
C ARG A 155 1.98 -17.03 3.78
N ASP A 156 1.26 -17.36 4.85
CA ASP A 156 0.48 -18.58 4.87
C ASP A 156 -0.65 -18.55 3.86
N LYS A 157 -1.21 -17.37 3.58
CA LYS A 157 -2.27 -17.26 2.58
C LYS A 157 -1.74 -17.23 1.15
N GLY A 158 -0.43 -17.18 0.95
CA GLY A 158 0.09 -17.24 -0.40
C GLY A 158 0.31 -15.90 -1.08
N CYS A 159 0.26 -14.80 -0.33
CA CYS A 159 0.53 -13.48 -0.89
C CYS A 159 1.91 -13.42 -1.55
N ASP A 160 1.96 -12.84 -2.74
CA ASP A 160 3.25 -12.60 -3.37
C ASP A 160 3.97 -11.40 -2.74
N GLY A 161 3.21 -10.48 -2.21
CA GLY A 161 3.76 -9.26 -1.64
C GLY A 161 2.80 -8.69 -0.62
N VAL A 162 3.29 -7.71 0.13
CA VAL A 162 2.50 -7.02 1.13
C VAL A 162 2.61 -5.52 0.87
N ASP A 163 1.54 -4.80 1.23
CA ASP A 163 1.46 -3.35 0.97
C ASP A 163 1.13 -2.69 2.30
N PRO A 164 2.15 -2.42 3.13
CA PRO A 164 1.91 -1.91 4.50
C PRO A 164 1.58 -0.42 4.48
N ASP A 165 0.42 -0.08 5.04
CA ASP A 165 -0.14 1.27 5.04
C ASP A 165 0.31 2.08 6.26
N ASN A 166 0.20 3.39 6.13
CA ASN A 166 0.29 4.32 7.26
C ASN A 166 1.67 4.28 7.94
N VAL A 167 2.72 4.24 7.13
CA VAL A 167 4.08 4.39 7.64
C VAL A 167 4.55 5.84 7.61
N ASP A 168 3.63 6.78 7.36
CA ASP A 168 3.98 8.21 7.32
C ASP A 168 3.36 8.98 8.48
N GLY A 169 3.29 8.32 9.65
CA GLY A 169 2.83 8.98 10.86
C GLY A 169 3.58 10.25 11.20
N TYR A 170 4.88 10.31 10.91
CA TYR A 170 5.65 11.52 11.19
C TYR A 170 5.08 12.74 10.49
N ASP A 171 4.29 12.53 9.43
CA ASP A 171 3.78 13.59 8.58
C ASP A 171 2.38 14.03 9.00
N ASN A 172 1.98 13.69 10.23
CA ASN A 172 0.59 13.75 10.63
C ASN A 172 0.53 14.03 12.12
N ASP A 173 -0.65 14.41 12.60
CA ASP A 173 -0.87 14.59 14.04
C ASP A 173 -1.02 13.21 14.68
N ASN A 174 0.12 12.58 14.94
CA ASN A 174 0.13 11.22 15.45
C ASN A 174 0.05 11.15 16.97
N GLY A 175 0.38 12.23 17.67
CA GLY A 175 0.33 12.26 19.11
C GLY A 175 1.34 11.36 19.80
N LEU A 176 2.31 10.85 19.04
CA LEU A 176 3.31 9.95 19.61
C LEU A 176 4.73 10.42 19.38
N ASP A 177 4.93 11.65 18.89
CA ASP A 177 6.26 12.18 18.57
C ASP A 177 7.00 11.30 17.57
N LEU A 178 6.28 10.69 16.64
CA LEU A 178 6.90 9.87 15.61
C LEU A 178 7.76 10.73 14.67
N THR A 179 8.88 10.14 14.23
CA THR A 179 9.85 10.85 13.41
C THR A 179 10.13 10.05 12.15
N GLN A 180 10.80 10.70 11.19
CA GLN A 180 11.21 10.00 9.97
C GLN A 180 12.10 8.80 10.28
N ALA A 181 13.06 8.94 11.22
CA ALA A 181 13.91 7.80 11.59
C ALA A 181 13.08 6.64 12.11
N ASP A 182 12.03 6.92 12.90
CA ASP A 182 11.14 5.84 13.34
C ASP A 182 10.55 5.10 12.17
N SER A 183 10.06 5.83 11.16
CA SER A 183 9.47 5.19 9.99
C SER A 183 10.52 4.42 9.21
N ILE A 184 11.71 5.00 9.02
CA ILE A 184 12.78 4.31 8.30
C ILE A 184 13.09 2.98 8.98
N SER A 185 13.31 3.02 10.30
CA SER A 185 13.58 1.79 11.05
C SER A 185 12.46 0.77 10.88
N PHE A 186 11.21 1.24 10.98
CA PHE A 186 10.04 0.36 10.90
C PHE A 186 9.89 -0.23 9.50
N VAL A 187 10.04 0.60 8.46
CA VAL A 187 9.87 0.12 7.10
C VAL A 187 10.95 -0.90 6.75
N ASN A 188 12.20 -0.66 7.17
CA ASN A 188 13.24 -1.65 6.90
C ASN A 188 13.03 -2.93 7.72
N PHE A 189 12.46 -2.81 8.92
CA PHE A 189 12.12 -4.00 9.71
C PHE A 189 11.05 -4.83 9.00
N LEU A 190 10.02 -4.17 8.47
CA LEU A 190 8.98 -4.88 7.73
C LEU A 190 9.53 -5.53 6.47
N ALA A 191 10.43 -4.82 5.76
CA ALA A 191 10.98 -5.35 4.51
C ALA A 191 11.87 -6.56 4.77
N ASN A 192 12.74 -6.50 5.77
CA ASN A 192 13.55 -7.67 6.06
C ASN A 192 12.67 -8.85 6.47
N ALA A 193 11.60 -8.58 7.23
CA ALA A 193 10.69 -9.62 7.67
C ALA A 193 9.87 -10.19 6.52
N ALA A 194 9.41 -9.35 5.59
CA ALA A 194 8.66 -9.88 4.44
C ALA A 194 9.57 -10.67 3.51
N HIS A 195 10.76 -10.16 3.23
CA HIS A 195 11.71 -10.89 2.38
C HIS A 195 12.06 -12.26 2.98
N ALA A 196 12.21 -12.33 4.32
CA ALA A 196 12.53 -13.61 4.95
C ALA A 196 11.40 -14.61 4.84
N ARG A 197 10.19 -14.13 4.55
CA ARG A 197 9.03 -14.97 4.30
C ARG A 197 8.75 -15.15 2.81
N ASN A 198 9.75 -14.83 1.97
CA ASN A 198 9.67 -14.96 0.51
C ASN A 198 8.61 -14.07 -0.11
N MET A 199 8.34 -12.90 0.47
CA MET A 199 7.40 -11.95 -0.11
C MET A 199 8.08 -10.63 -0.43
N SER A 200 7.56 -9.95 -1.45
CA SER A 200 8.01 -8.61 -1.77
C SER A 200 7.22 -7.58 -1.00
N ILE A 201 7.67 -6.32 -1.08
CA ILE A 201 7.13 -5.24 -0.27
C ILE A 201 7.39 -3.93 -1.02
N GLY A 202 6.60 -2.91 -0.69
CA GLY A 202 6.80 -1.59 -1.25
C GLY A 202 6.46 -0.51 -0.26
N LEU A 203 6.86 0.71 -0.60
CA LEU A 203 6.66 1.87 0.26
C LEU A 203 5.34 2.57 -0.07
N LYS A 204 4.51 2.80 0.94
CA LYS A 204 3.25 3.52 0.75
C LYS A 204 3.49 5.01 1.03
N ASN A 205 3.36 5.85 0.00
CA ASN A 205 3.56 7.32 0.11
C ASN A 205 4.91 7.56 0.80
N ALA A 206 4.95 8.33 1.89
CA ALA A 206 6.18 8.54 2.68
C ALA A 206 7.35 9.01 1.82
N GLY A 207 7.08 9.95 0.90
CA GLY A 207 8.11 10.41 -0.02
C GLY A 207 9.41 10.87 0.62
N ASP A 208 9.33 11.51 1.80
CA ASP A 208 10.55 12.03 2.44
C ASP A 208 11.59 10.96 2.72
N ILE A 209 11.18 9.70 2.96
CA ILE A 209 12.12 8.69 3.42
C ILE A 209 12.57 7.73 2.32
N ILE A 210 12.21 8.00 1.06
CA ILE A 210 12.59 7.10 -0.03
C ILE A 210 14.08 6.73 -0.02
N PRO A 211 15.03 7.68 -0.01
CA PRO A 211 16.45 7.28 -0.11
C PRO A 211 16.89 6.28 0.95
N SER A 212 16.21 6.25 2.08
CA SER A 212 16.63 5.42 3.21
C SER A 212 16.02 4.03 3.19
N VAL A 213 15.01 3.78 2.35
CA VAL A 213 14.37 2.46 2.33
C VAL A 213 14.36 1.84 0.93
N ILE A 214 14.68 2.62 -0.10
CA ILE A 214 14.37 2.16 -1.45
C ILE A 214 15.11 0.88 -1.83
N LYS A 215 16.31 0.68 -1.30
CA LYS A 215 17.05 -0.55 -1.60
C LYS A 215 16.30 -1.78 -1.11
N ASN A 216 15.45 -1.64 -0.10
CA ASN A 216 14.64 -2.74 0.41
C ASN A 216 13.27 -2.83 -0.26
N MET A 217 12.89 -1.85 -1.08
CA MET A 217 11.56 -1.79 -1.67
C MET A 217 11.55 -2.38 -3.07
N GLN A 218 10.43 -3.03 -3.42
CA GLN A 218 10.22 -3.52 -4.78
C GLN A 218 9.34 -2.59 -5.61
N TRP A 219 8.69 -1.61 -4.99
CA TRP A 219 7.81 -0.68 -5.70
C TRP A 219 7.47 0.44 -4.74
N SER A 220 6.73 1.40 -5.28
CA SER A 220 6.03 2.42 -4.51
C SER A 220 4.52 2.26 -4.75
N VAL A 221 3.73 2.41 -3.70
CA VAL A 221 2.31 2.73 -3.83
C VAL A 221 2.14 4.19 -3.47
N ASN A 222 1.65 4.98 -4.43
CA ASN A 222 1.49 6.42 -4.23
C ASN A 222 0.04 6.82 -4.42
N GLU A 223 -0.44 7.71 -3.56
CA GLU A 223 -1.76 8.31 -3.75
C GLU A 223 -1.59 9.78 -4.08
N GLN A 224 -2.19 10.19 -5.21
CA GLN A 224 -2.51 11.58 -5.49
C GLN A 224 -1.29 12.44 -5.81
N CYS A 225 -0.18 11.86 -6.24
CA CYS A 225 0.98 12.68 -6.59
C CYS A 225 0.67 13.63 -7.76
N ALA A 226 -0.21 13.22 -8.69
CA ALA A 226 -0.56 14.07 -9.82
C ALA A 226 -1.40 15.26 -9.37
N GLN A 227 -2.44 15.01 -8.58
CA GLN A 227 -3.22 16.10 -8.01
C GLN A 227 -2.36 17.09 -7.25
N TYR A 228 -1.33 16.62 -6.55
CA TYR A 228 -0.48 17.48 -5.73
C TYR A 228 0.81 17.89 -6.43
N ASN A 229 0.94 17.62 -7.74
CA ASN A 229 2.10 17.99 -8.53
C ASN A 229 3.41 17.51 -7.90
N GLU A 230 3.40 16.28 -7.37
CA GLU A 230 4.53 15.72 -6.63
C GLU A 230 5.07 14.43 -7.25
N CYS A 231 4.71 14.11 -8.49
CA CYS A 231 5.09 12.78 -9.00
C CYS A 231 6.58 12.67 -9.26
N ASP A 232 7.29 13.79 -9.42
CA ASP A 232 8.74 13.76 -9.55
C ASP A 232 9.40 13.11 -8.33
N THR A 233 8.83 13.33 -7.14
CA THR A 233 9.36 12.69 -5.94
C THR A 233 9.40 11.17 -6.10
N TYR A 234 8.40 10.61 -6.75
CA TYR A 234 8.25 9.16 -6.81
C TYR A 234 8.80 8.55 -8.08
N ALA A 235 9.20 9.38 -9.05
CA ALA A 235 9.80 8.89 -10.29
C ALA A 235 11.13 8.18 -10.06
N VAL A 236 11.76 8.38 -8.90
CA VAL A 236 13.02 7.68 -8.62
C VAL A 236 12.81 6.16 -8.60
N PHE A 237 11.60 5.70 -8.29
CA PHE A 237 11.38 4.25 -8.35
C PHE A 237 11.52 3.69 -9.76
N PRO A 238 10.81 4.19 -10.78
CA PRO A 238 11.06 3.64 -12.13
C PRO A 238 12.45 3.93 -12.65
N GLN A 239 13.09 5.00 -12.18
CA GLN A 239 14.48 5.23 -12.56
C GLN A 239 15.40 4.11 -12.04
N ASN A 240 14.96 3.36 -11.03
CA ASN A 240 15.72 2.21 -10.53
C ASN A 240 15.04 0.87 -10.87
N GLY A 241 14.21 0.85 -11.91
CA GLY A 241 13.60 -0.39 -12.36
C GLY A 241 12.44 -0.89 -11.52
N LYS A 242 11.77 -0.01 -10.77
CA LYS A 242 10.73 -0.39 -9.86
C LYS A 242 9.45 0.38 -10.17
N PRO A 243 8.30 -0.31 -10.21
CA PRO A 243 7.05 0.37 -10.58
C PRO A 243 6.59 1.34 -9.49
N VAL A 244 5.77 2.29 -9.91
CA VAL A 244 4.96 3.07 -9.00
C VAL A 244 3.51 2.68 -9.27
N PHE A 245 2.89 2.01 -8.29
CA PHE A 245 1.45 1.74 -8.34
C PHE A 245 0.74 2.98 -7.81
N HIS A 246 0.11 3.72 -8.70
CA HIS A 246 -0.27 5.12 -8.49
C HIS A 246 -1.79 5.27 -8.53
N ILE A 247 -2.37 5.81 -7.47
CA ILE A 247 -3.82 5.99 -7.32
C ILE A 247 -4.17 7.48 -7.40
N GLU A 248 -5.21 7.80 -8.15
CA GLU A 248 -5.80 9.13 -8.18
C GLU A 248 -7.29 9.04 -7.83
N TYR A 249 -7.77 10.03 -7.08
CA TYR A 249 -9.14 10.09 -6.60
C TYR A 249 -9.83 11.35 -7.09
N PRO A 250 -10.11 11.45 -8.40
CA PRO A 250 -10.60 12.73 -8.94
C PRO A 250 -11.98 13.13 -8.45
N LYS A 251 -12.78 12.19 -7.93
CA LYS A 251 -14.16 12.51 -7.56
C LYS A 251 -14.27 13.13 -6.17
N GLY A 252 -13.18 13.22 -5.42
CA GLY A 252 -13.21 13.77 -4.09
C GLY A 252 -13.33 12.69 -3.04
N ASP A 253 -13.25 13.12 -1.79
CA ASP A 253 -13.18 12.20 -0.66
C ASP A 253 -14.55 11.76 -0.16
N LYS A 254 -15.64 12.29 -0.72
CA LYS A 254 -16.98 11.95 -0.26
C LYS A 254 -17.87 11.38 -1.35
N THR A 255 -17.33 11.08 -2.53
CA THR A 255 -18.12 10.62 -3.67
C THR A 255 -17.56 9.30 -4.18
N ASN A 256 -18.37 8.24 -4.09
CA ASN A 256 -17.99 6.93 -4.62
C ASN A 256 -19.13 6.43 -5.50
N ASN A 257 -18.83 6.16 -6.77
CA ASN A 257 -19.83 5.65 -7.69
C ASN A 257 -19.13 4.93 -8.83
N ASP A 258 -19.92 4.45 -9.79
CA ASP A 258 -19.41 3.68 -10.92
C ASP A 258 -19.40 4.48 -12.22
N LEU A 259 -19.39 5.80 -12.14
CA LEU A 259 -19.30 6.67 -13.32
C LEU A 259 -17.84 6.98 -13.64
N SER A 260 -17.56 7.15 -14.94
CA SER A 260 -16.24 7.62 -15.39
C SER A 260 -16.00 9.05 -14.93
N VAL A 261 -14.73 9.45 -14.89
CA VAL A 261 -14.36 10.82 -14.54
C VAL A 261 -14.45 11.68 -15.80
N THR A 262 -14.39 13.00 -15.63
CA THR A 262 -14.40 13.84 -16.81
C THR A 262 -13.06 13.73 -17.53
N ALA A 263 -13.06 14.15 -18.80
CA ALA A 263 -11.85 14.11 -19.61
C ALA A 263 -10.72 14.89 -18.97
N SER A 264 -11.04 16.06 -18.37
CA SER A 264 -9.97 16.85 -17.79
C SER A 264 -9.53 16.29 -16.45
N GLN A 265 -10.43 15.60 -15.73
CA GLN A 265 -9.99 14.91 -14.52
C GLN A 265 -9.11 13.73 -14.88
N LYS A 266 -9.38 13.08 -16.00
CA LYS A 266 -8.55 11.95 -16.43
C LYS A 266 -7.19 12.45 -16.94
N ASN A 267 -7.18 13.56 -17.68
CA ASN A 267 -5.90 14.15 -18.11
C ASN A 267 -5.05 14.51 -16.90
N ALA A 268 -5.64 15.19 -15.92
CA ALA A 268 -4.92 15.53 -14.69
C ALA A 268 -4.37 14.29 -13.99
N ALA A 269 -5.16 13.21 -13.96
CA ALA A 269 -4.70 12.02 -13.25
C ALA A 269 -3.62 11.27 -14.03
N CYS A 270 -3.59 11.44 -15.35
CA CYS A 270 -2.81 10.58 -16.23
C CYS A 270 -1.65 11.28 -16.93
N ASP A 271 -1.69 12.60 -17.06
CA ASP A 271 -0.73 13.32 -17.89
C ASP A 271 0.20 14.09 -16.96
N PHE A 272 1.42 13.60 -16.83
CA PHE A 272 2.46 14.27 -16.08
C PHE A 272 3.78 13.66 -16.51
N ALA A 273 4.86 14.40 -16.27
CA ALA A 273 6.16 13.95 -16.74
C ALA A 273 6.47 12.56 -16.20
N GLY A 274 6.87 11.65 -17.10
CA GLY A 274 7.19 10.31 -16.70
C GLY A 274 6.01 9.41 -16.43
N SER A 275 4.78 9.84 -16.75
CA SER A 275 3.61 9.05 -16.41
C SER A 275 3.59 7.71 -17.15
N ALA A 276 4.29 7.60 -18.27
CA ALA A 276 4.38 6.33 -18.97
C ALA A 276 5.04 5.24 -18.11
N ASN A 277 5.82 5.63 -17.11
CA ASN A 277 6.43 4.69 -16.18
C ASN A 277 5.59 4.45 -14.93
N PHE A 278 4.54 5.22 -14.70
CA PHE A 278 3.67 5.00 -13.56
C PHE A 278 2.54 4.05 -13.96
N SER A 279 2.17 3.16 -13.05
CA SER A 279 1.03 2.24 -13.25
C SER A 279 -0.18 2.86 -12.56
N THR A 280 -0.96 3.63 -13.32
CA THR A 280 -1.99 4.48 -12.74
C THR A 280 -3.33 3.77 -12.71
N VAL A 281 -4.05 3.94 -11.60
CA VAL A 281 -5.47 3.61 -11.51
C VAL A 281 -6.21 4.85 -11.05
N ILE A 282 -7.40 5.04 -11.60
CA ILE A 282 -8.35 6.02 -11.11
C ILE A 282 -9.40 5.27 -10.32
N LYS A 283 -9.61 5.67 -9.08
CA LYS A 283 -10.42 4.90 -8.14
C LYS A 283 -11.40 5.80 -7.41
N ASN A 284 -12.42 5.19 -6.83
CA ASN A 284 -13.15 5.86 -5.77
C ASN A 284 -12.29 5.94 -4.51
N MET A 285 -12.59 6.91 -3.65
CA MET A 285 -11.87 7.02 -2.39
C MET A 285 -12.06 5.79 -1.51
N ASN A 286 -13.19 5.09 -1.65
CA ASN A 286 -13.39 3.91 -0.81
C ASN A 286 -12.71 2.67 -1.35
N LEU A 287 -11.97 2.78 -2.46
CA LEU A 287 -11.24 1.66 -3.08
C LEU A 287 -12.11 0.40 -3.25
N ASN A 288 -13.35 0.58 -3.73
CA ASN A 288 -14.16 -0.59 -4.09
C ASN A 288 -13.75 -1.10 -5.48
N ASN A 289 -14.59 -1.90 -6.14
CA ASN A 289 -14.16 -2.54 -7.38
C ASN A 289 -13.89 -1.52 -8.49
N TRP A 290 -14.66 -0.43 -8.54
CA TRP A 290 -14.68 0.42 -9.72
C TRP A 290 -13.27 0.95 -10.03
N VAL A 291 -12.90 0.94 -11.29
CA VAL A 291 -11.57 1.37 -11.70
C VAL A 291 -11.65 1.93 -13.13
N GLU A 292 -10.90 3.00 -13.38
CA GLU A 292 -10.71 3.53 -14.72
C GLU A 292 -9.21 3.63 -15.00
N TYR A 293 -8.80 3.23 -16.20
CA TYR A 293 -7.40 3.27 -16.61
C TYR A 293 -7.16 4.43 -17.59
N CYS A 294 -5.92 4.85 -17.66
CA CYS A 294 -5.50 5.94 -18.54
C CYS A 294 -5.59 5.50 -19.98
C1 NAG B . -19.12 -7.33 -4.34
C2 NAG B . -20.34 -7.03 -5.24
C3 NAG B . -21.06 -5.76 -4.80
C4 NAG B . -21.28 -5.70 -3.29
C5 NAG B . -19.94 -5.95 -2.61
C6 NAG B . -20.03 -5.95 -1.10
C7 NAG B . -20.13 -7.83 -7.55
C8 NAG B . -20.84 -9.04 -7.09
N2 NAG B . -19.91 -6.90 -6.62
O3 NAG B . -22.30 -5.68 -5.50
O4 NAG B . -21.72 -4.41 -2.95
O5 NAG B . -19.49 -7.26 -2.99
O6 NAG B . -21.04 -6.84 -0.65
O7 NAG B . -19.78 -7.69 -8.72
C1 NAG B . -22.91 -4.41 -2.15
C2 NAG B . -23.10 -2.98 -1.61
C3 NAG B . -24.45 -2.83 -0.90
C4 NAG B . -25.60 -3.38 -1.74
C5 NAG B . -25.28 -4.80 -2.18
C6 NAG B . -26.33 -5.36 -3.12
C7 NAG B . -20.98 -1.86 -1.03
C8 NAG B . -20.92 -1.38 -2.45
N2 NAG B . -22.03 -2.62 -0.70
O3 NAG B . -24.66 -1.45 -0.62
O4 NAG B . -26.78 -3.42 -0.95
O5 NAG B . -24.05 -4.79 -2.91
O6 NAG B . -26.32 -4.68 -4.36
O7 NAG B . -20.10 -1.59 -0.22
C1 BMA B . -27.67 -2.37 -1.33
C2 BMA B . -29.09 -2.90 -1.04
C3 BMA B . -30.14 -1.80 -1.20
C4 BMA B . -29.70 -0.40 -0.65
C5 BMA B . -28.24 -0.11 -1.03
C6 BMA B . -27.71 1.21 -0.44
O2 BMA B . -29.19 -3.41 0.29
O3 BMA B . -31.38 -2.21 -0.63
O4 BMA B . -30.52 0.62 -1.23
O5 BMA B . -27.42 -1.20 -0.60
O6 BMA B . -27.16 0.94 0.83
C1 MAN B . -32.46 -1.84 -1.52
C2 MAN B . -33.77 -2.47 -0.98
C3 MAN B . -33.67 -3.99 -1.09
C4 MAN B . -33.46 -4.41 -2.56
C5 MAN B . -32.24 -3.72 -3.16
C6 MAN B . -32.26 -3.80 -4.66
O2 MAN B . -34.89 -2.08 -1.80
O3 MAN B . -34.82 -4.62 -0.55
O4 MAN B . -33.27 -5.80 -2.66
O5 MAN B . -32.20 -2.27 -2.85
O6 MAN B . -32.77 -2.53 -5.08
C1 MAN B . -35.56 -0.91 -1.26
C2 MAN B . -37.01 -0.95 -1.80
C3 MAN B . -37.00 -0.65 -3.31
C4 MAN B . -36.24 0.66 -3.63
C5 MAN B . -34.81 0.59 -3.05
C6 MAN B . -34.01 1.88 -3.25
O2 MAN B . -37.82 0.08 -1.21
O3 MAN B . -38.30 -0.60 -3.84
O4 MAN B . -36.15 0.84 -5.03
O5 MAN B . -34.88 0.30 -1.63
O6 MAN B . -34.31 2.75 -2.18
C1 MAN B . -33.18 -2.66 -6.44
C2 MAN B . -32.15 -1.95 -7.35
C3 MAN B . -32.44 -2.38 -8.78
C4 MAN B . -33.88 -2.97 -8.87
C5 MAN B . -34.84 -2.04 -8.09
C6 MAN B . -36.30 -2.43 -8.19
O2 MAN B . -30.81 -2.34 -7.06
O3 MAN B . -31.47 -3.29 -9.25
O4 MAN B . -34.30 -3.11 -10.20
O5 MAN B . -34.48 -2.08 -6.68
O6 MAN B . -37.06 -1.55 -7.35
C1 MAN B . -26.62 2.18 1.36
C2 MAN B . -25.30 2.54 0.58
C3 MAN B . -24.02 1.78 1.10
C4 MAN B . -24.06 1.45 2.62
C5 MAN B . -25.46 1.00 3.11
C6 MAN B . -25.57 0.84 4.63
O2 MAN B . -25.02 3.95 0.63
O3 MAN B . -22.78 2.48 0.81
O4 MAN B . -23.12 0.41 2.86
O5 MAN B . -26.40 2.03 2.74
O6 MAN B . -24.50 0.03 5.09
C1 MAN B . -22.16 2.05 -0.43
C2 MAN B . -20.62 1.98 -0.20
C3 MAN B . -20.09 3.38 0.05
C4 MAN B . -20.47 4.32 -1.11
C5 MAN B . -22.01 4.30 -1.34
C6 MAN B . -22.44 5.06 -2.58
O2 MAN B . -19.92 1.52 -1.39
O3 MAN B . -18.67 3.38 0.26
O4 MAN B . -20.06 5.65 -0.82
O5 MAN B . -22.48 2.92 -1.50
O6 MAN B . -23.87 5.21 -2.54
C1 NAG C . 21.48 1.30 5.31
C2 NAG C . 20.05 1.77 5.60
C3 NAG C . 19.89 3.25 5.21
C4 NAG C . 20.97 4.09 5.89
C5 NAG C . 22.37 3.54 5.61
C6 NAG C . 23.44 4.24 6.42
C7 NAG C . 18.87 0.82 3.62
C8 NAG C . 17.78 -0.11 3.19
N2 NAG C . 19.05 0.94 4.95
O3 NAG C . 18.60 3.69 5.61
O4 NAG C . 20.91 5.48 5.56
O5 NAG C . 22.43 2.15 5.97
O6 NAG C . 24.58 4.56 5.64
O7 NAG C . 19.55 1.45 2.81
C1 NAG C . 20.59 5.88 4.19
C2 NAG C . 20.31 7.39 4.21
C3 NAG C . 20.05 7.91 2.79
C4 NAG C . 21.13 7.45 1.79
C5 NAG C . 21.32 5.95 1.92
C6 NAG C . 22.41 5.37 1.03
C7 NAG C . 19.32 8.21 6.31
C8 NAG C . 20.71 8.30 6.82
N2 NAG C . 19.19 7.74 5.06
O3 NAG C . 20.02 9.32 2.89
O4 NAG C . 20.66 7.65 0.45
O5 NAG C . 21.65 5.59 3.27
O6 NAG C . 23.67 6.01 1.20
O7 NAG C . 18.36 8.54 7.00
C1 BMA C . 20.73 8.85 -0.43
C2 BMA C . 20.43 10.30 0.26
C3 BMA C . 20.49 11.41 -0.80
C4 BMA C . 21.83 11.33 -1.56
C5 BMA C . 21.97 9.94 -2.22
C6 BMA C . 23.18 9.80 -3.12
O2 BMA C . 21.39 10.63 1.25
O3 BMA C . 20.36 12.74 -0.26
O4 BMA C . 21.90 12.35 -2.54
O5 BMA C . 22.02 8.93 -1.15
O6 BMA C . 22.75 9.78 -4.48
C1 MAN C . 19.08 13.14 0.31
C2 MAN C . 17.82 12.81 -0.59
C3 MAN C . 17.68 13.72 -1.84
C4 MAN C . 18.00 15.19 -1.53
C5 MAN C . 19.30 15.31 -0.68
C6 MAN C . 19.63 16.74 -0.26
O2 MAN C . 16.62 13.04 0.15
O3 MAN C . 16.34 13.63 -2.42
O4 MAN C . 18.15 15.91 -2.76
O5 MAN C . 19.14 14.53 0.54
O6 MAN C . 18.43 17.35 0.21
C1 MAN C . 18.66 18.73 0.53
C2 MAN C . 17.31 19.28 1.07
C3 MAN C . 16.33 19.46 -0.10
C4 MAN C . 16.95 20.33 -1.20
C5 MAN C . 18.24 19.66 -1.72
C6 MAN C . 18.96 20.51 -2.74
O2 MAN C . 17.48 20.58 1.65
O3 MAN C . 15.09 20.04 0.33
O4 MAN C . 16.04 20.47 -2.27
O5 MAN C . 19.16 19.47 -0.61
O6 MAN C . 18.19 21.68 -2.98
C1 MAN C . 17.17 20.54 3.06
C2 MAN C . 17.00 22.03 3.50
C3 MAN C . 18.36 22.76 3.40
C4 MAN C . 19.52 21.96 4.10
C5 MAN C . 19.51 20.44 3.72
C6 MAN C . 20.47 19.56 4.55
O2 MAN C . 16.57 22.13 4.87
O3 MAN C . 18.28 24.13 3.87
O4 MAN C . 20.80 22.50 3.73
O5 MAN C . 18.17 19.87 3.82
O6 MAN C . 20.16 19.70 5.96
C1 MAN C . 16.41 13.26 -3.83
C2 MAN C . 15.30 14.03 -4.67
C3 MAN C . 13.90 13.41 -4.50
C4 MAN C . 13.90 11.87 -4.65
C5 MAN C . 15.01 11.22 -3.77
C6 MAN C . 15.15 9.73 -4.02
O2 MAN C . 15.56 13.95 -6.09
O3 MAN C . 12.94 13.98 -5.39
O4 MAN C . 12.62 11.35 -4.29
O5 MAN C . 16.31 11.84 -4.02
O6 MAN C . 16.36 9.27 -3.40
C1 NAG D . 7.07 4.04 21.64
C2 NAG D . 7.11 4.95 22.87
C3 NAG D . 8.54 5.14 23.36
C4 NAG D . 9.28 3.81 23.50
C5 NAG D . 9.14 3.01 22.22
C6 NAG D . 9.73 1.61 22.36
C7 NAG D . 5.51 6.77 23.31
C8 NAG D . 5.02 8.12 22.85
N2 NAG D . 6.51 6.24 22.59
O3 NAG D . 8.50 5.82 24.61
O4 NAG D . 10.67 4.07 23.71
O5 NAG D . 7.75 2.83 21.91
O6 NAG D . 9.07 0.90 23.38
O7 NAG D . 5.03 6.20 24.27
C1 NAG D . 11.15 3.62 24.98
C2 NAG D . 12.66 3.51 24.87
C3 NAG D . 13.27 3.10 26.21
C4 NAG D . 12.81 4.05 27.31
C5 NAG D . 11.29 4.15 27.32
C6 NAG D . 10.77 5.20 28.29
C7 NAG D . 13.36 2.93 22.59
C8 NAG D . 13.72 1.82 21.65
N2 NAG D . 13.03 2.57 23.83
O3 NAG D . 14.69 3.16 26.11
O4 NAG D . 13.26 3.56 28.58
O5 NAG D . 10.81 4.54 26.02
O6 NAG D . 10.90 6.50 27.75
O7 NAG D . 13.38 4.10 22.23
C1 NAG E . 9.55 -17.49 -3.54
C2 NAG E . 9.44 -18.98 -3.83
C3 NAG E . 9.87 -19.28 -5.27
C4 NAG E . 9.10 -18.41 -6.25
C5 NAG E . 9.19 -16.93 -5.86
C6 NAG E . 8.30 -16.05 -6.71
C7 NAG E . 9.64 -20.48 -1.92
C8 NAG E . 10.57 -21.22 -1.00
N2 NAG E . 10.22 -19.76 -2.88
O3 NAG E . 9.60 -20.64 -5.57
O4 NAG E . 9.61 -18.60 -7.57
O5 NAG E . 8.78 -16.74 -4.50
O6 NAG E . 9.05 -15.05 -7.37
O7 NAG E . 8.42 -20.55 -1.80
C1 NAG F . 10.94 5.86 -17.77
C2 NAG F . 11.12 7.19 -18.54
C3 NAG F . 12.39 7.16 -19.41
C4 NAG F . 13.60 6.70 -18.60
C5 NAG F . 13.28 5.37 -17.95
C6 NAG F . 14.41 4.82 -17.10
C7 NAG F . 9.39 8.66 -19.47
C8 NAG F . 8.20 8.75 -20.37
N2 NAG F . 9.95 7.45 -19.36
O3 NAG F . 12.62 8.45 -19.94
O4 NAG F . 14.73 6.56 -19.46
O5 NAG F . 12.16 5.54 -17.08
O6 NAG F . 14.19 3.45 -16.79
O7 NAG F . 9.83 9.64 -18.88
O4 X6X G . -11.15 0.00 4.38
C4 X6X G . -9.95 0.10 3.70
C3 X6X G . -8.77 -0.15 4.68
O3 X6X G . -8.95 -1.34 5.42
C2 X6X G . -8.70 1.01 5.71
N2 X6X G . -7.47 0.84 6.47
C1 X6X G . -8.68 2.35 4.91
O1 X6X G . -7.53 2.37 4.16
O5 X6X G . -9.81 2.47 4.01
C5 X6X G . -9.90 1.50 3.03
C6 X6X G . -11.13 1.77 2.12
O6 X6X G . -11.24 0.62 1.33
#